data_8QUT
#
_entry.id   8QUT
#
_cell.length_a   1.00
_cell.length_b   1.00
_cell.length_c   1.00
_cell.angle_alpha   90.00
_cell.angle_beta   90.00
_cell.angle_gamma   90.00
#
_symmetry.space_group_name_H-M   'P 1'
#
loop_
_entity.id
_entity.type
_entity.pdbx_description
1 polymer 'Lysozyme C'
2 polymer 'Unidentified peptide'
#
loop_
_entity_poly.entity_id
_entity_poly.type
_entity_poly.pdbx_seq_one_letter_code
_entity_poly.pdbx_strand_id
1 'polypeptide(L)'
;KVFERCELARTLKRLGMDGYRGISLANWMCLAKWESGYNTRATNYNAGDRSTDYGIFQINSRYWCNDGKTPGAVNACHLS
CSALLQDNIADAVACAKRVVRDPQGIRAWVAWRNRCQNRDVRQYVQGCGV
;
A,C,E,G,I
2 'polypeptide(L)' (UNK)(UNK)(UNK)(UNK)(UNK)(UNK)(UNK)(UNK)(UNK)(UNK) B,D,F,H,J
#
# COMPACT_ATOMS: atom_id res chain seq x y z
N GLY A 22 13.63 -1.39 -16.75
CA GLY A 22 13.58 -2.35 -15.66
C GLY A 22 14.60 -3.46 -15.80
N ILE A 23 14.13 -4.70 -15.95
CA ILE A 23 15.00 -5.85 -16.17
C ILE A 23 14.67 -6.44 -17.54
N SER A 24 15.72 -6.66 -18.34
CA SER A 24 15.59 -7.32 -19.63
C SER A 24 16.51 -8.53 -19.68
N LEU A 25 15.95 -9.69 -19.99
CA LEU A 25 16.74 -10.87 -20.31
C LEU A 25 16.43 -11.32 -21.73
N ALA A 26 17.41 -11.94 -22.37
CA ALA A 26 17.20 -12.61 -23.64
C ALA A 26 18.11 -13.84 -23.72
N ASN A 27 17.58 -14.92 -24.30
CA ASN A 27 18.32 -16.16 -24.48
C ASN A 27 18.13 -16.67 -25.90
N TRP A 28 19.23 -16.96 -26.57
CA TRP A 28 19.22 -17.40 -27.96
C TRP A 28 19.96 -18.71 -28.09
N MET A 29 19.56 -19.50 -29.09
CA MET A 29 20.32 -20.65 -29.53
C MET A 29 20.10 -20.85 -31.02
N CYS A 30 21.10 -21.39 -31.69
CA CYS A 30 21.05 -21.52 -33.14
C CYS A 30 21.96 -22.67 -33.57
N LEU A 31 21.66 -23.22 -34.75
CA LEU A 31 22.45 -24.31 -35.29
C LEU A 31 22.27 -24.35 -36.80
N ALA A 32 23.19 -25.04 -37.46
CA ALA A 32 23.09 -25.28 -38.89
C ALA A 32 23.88 -26.53 -39.23
N LYS A 33 23.55 -27.12 -40.38
CA LYS A 33 24.25 -28.31 -40.85
C LYS A 33 24.09 -28.40 -42.36
N TRP A 34 24.97 -29.18 -42.98
CA TRP A 34 25.00 -29.31 -44.43
C TRP A 34 25.67 -30.61 -44.85
N ARG A 50 26.36 -34.97 -29.55
CA ARG A 50 25.47 -34.61 -28.45
C ARG A 50 25.54 -33.13 -28.13
N SER A 51 24.56 -32.64 -27.38
CA SER A 51 24.56 -31.27 -26.89
C SER A 51 23.55 -31.16 -25.76
N THR A 52 23.97 -30.56 -24.64
CA THR A 52 23.07 -30.25 -23.53
C THR A 52 23.49 -28.90 -22.97
N ASP A 53 22.82 -27.84 -23.40
CA ASP A 53 23.17 -26.47 -23.05
C ASP A 53 22.14 -25.90 -22.08
N TYR A 54 22.63 -25.21 -21.05
CA TYR A 54 21.78 -24.78 -19.94
C TYR A 54 21.84 -23.27 -19.82
N GLY A 55 20.70 -22.66 -19.48
CA GLY A 55 20.66 -21.26 -19.14
C GLY A 55 19.86 -21.05 -17.87
N ILE A 56 20.51 -20.69 -16.77
CA ILE A 56 19.86 -20.59 -15.48
C ILE A 56 19.93 -19.15 -15.02
N PHE A 57 18.77 -18.55 -14.77
CA PHE A 57 18.70 -17.15 -14.35
C PHE A 57 17.92 -17.08 -13.05
N GLN A 58 18.52 -16.45 -12.03
CA GLN A 58 17.97 -16.43 -10.69
C GLN A 58 18.17 -15.02 -10.15
N ILE A 59 17.17 -14.17 -10.29
CA ILE A 59 17.37 -12.74 -10.06
C ILE A 59 17.27 -12.40 -8.58
N ASN A 60 16.04 -12.25 -8.07
CA ASN A 60 15.84 -11.85 -6.68
C ASN A 60 15.46 -13.04 -5.80
N SER A 61 15.70 -14.26 -6.29
CA SER A 61 15.17 -15.46 -5.65
C SER A 61 15.90 -15.77 -4.34
N ARG A 62 15.20 -16.47 -3.45
CA ARG A 62 15.75 -16.91 -2.18
C ARG A 62 15.57 -18.42 -2.08
N TYR A 63 16.62 -19.11 -1.64
CA TYR A 63 16.61 -20.56 -1.54
C TYR A 63 17.07 -20.96 -0.14
N TRP A 64 16.29 -21.82 0.52
CA TRP A 64 16.58 -22.33 1.86
C TRP A 64 16.73 -21.25 2.92
N CYS A 65 16.35 -20.01 2.65
CA CYS A 65 16.62 -18.93 3.59
C CYS A 65 15.53 -18.84 4.64
N ASN A 66 15.89 -18.24 5.78
CA ASN A 66 14.94 -17.81 6.80
C ASN A 66 14.71 -16.29 6.81
N ASP A 67 14.58 -15.68 5.64
CA ASP A 67 14.49 -14.22 5.55
C ASP A 67 13.37 -13.66 6.40
N GLY A 68 13.62 -12.50 7.02
CA GLY A 68 12.61 -11.74 7.72
C GLY A 68 12.94 -10.26 7.79
N LYS A 69 11.95 -9.38 7.62
CA LYS A 69 12.20 -7.95 7.62
C LYS A 69 11.00 -7.18 8.17
N THR A 70 11.28 -6.10 8.90
CA THR A 70 10.30 -5.46 9.79
C THR A 70 10.39 -3.94 9.68
N PRO A 71 10.31 -3.36 8.48
CA PRO A 71 10.55 -1.92 8.34
C PRO A 71 9.46 -1.04 8.94
N GLY A 72 9.90 0.06 9.55
CA GLY A 72 9.05 1.23 9.79
C GLY A 72 8.12 1.23 10.98
N ALA A 73 8.37 0.43 12.00
CA ALA A 73 7.54 0.48 13.20
C ALA A 73 7.62 1.84 13.89
N VAL A 74 6.47 2.42 14.19
CA VAL A 74 6.37 3.74 14.82
C VAL A 74 5.63 3.59 16.14
N ASN A 75 6.17 4.19 17.21
CA ASN A 75 5.55 4.13 18.52
C ASN A 75 5.48 5.50 19.20
N ALA A 76 4.31 5.80 19.77
CA ALA A 76 4.12 6.82 20.79
C ALA A 76 4.50 8.23 20.34
N CYS A 77 4.54 8.50 19.05
CA CYS A 77 4.86 9.85 18.60
C CYS A 77 3.72 10.81 18.92
N HIS A 78 4.07 12.04 19.27
CA HIS A 78 3.14 13.16 19.31
C HIS A 78 3.44 14.08 18.14
N LEU A 79 2.45 14.29 17.28
CA LEU A 79 2.52 15.28 16.22
C LEU A 79 1.53 16.40 16.55
N SER A 80 2.04 17.60 16.75
CA SER A 80 1.17 18.75 16.93
C SER A 80 0.59 19.32 15.64
N CYS A 81 1.39 20.07 14.89
CA CYS A 81 1.07 20.46 13.51
C CYS A 81 2.14 19.94 12.56
N SER A 82 2.20 18.64 12.34
CA SER A 82 3.40 17.99 11.84
C SER A 82 3.01 16.87 10.88
N ALA A 83 3.96 16.44 10.05
CA ALA A 83 3.72 15.34 9.14
C ALA A 83 4.79 14.27 9.33
N LEU A 84 4.38 13.01 9.23
CA LEU A 84 5.29 11.88 9.18
C LEU A 84 4.99 11.05 7.94
N LEU A 85 6.04 10.73 7.17
CA LEU A 85 5.88 10.02 5.91
C LEU A 85 6.88 8.87 5.84
N GLN A 86 6.41 7.70 5.39
CA GLN A 86 7.24 6.50 5.31
C GLN A 86 6.95 5.76 4.01
N ASP A 87 8.00 5.32 3.34
CA ASP A 87 7.93 4.28 2.31
C ASP A 87 8.59 3.00 2.81
N ASN A 88 7.79 2.06 3.29
CA ASN A 88 8.30 0.83 3.90
C ASN A 88 8.41 -0.31 2.87
N ILE A 89 9.03 -0.02 1.73
CA ILE A 89 9.08 -0.95 0.61
C ILE A 89 10.00 -2.11 0.97
N ALA A 90 9.43 -3.31 1.06
CA ALA A 90 10.10 -4.44 1.68
C ALA A 90 10.81 -5.37 0.70
N ASP A 91 10.38 -5.42 -0.57
CA ASP A 91 10.91 -6.48 -1.44
C ASP A 91 10.71 -6.23 -2.93
N ALA A 92 10.54 -4.99 -3.37
CA ALA A 92 10.08 -4.72 -4.72
C ALA A 92 11.08 -5.19 -5.76
N VAL A 93 10.57 -5.69 -6.89
CA VAL A 93 11.37 -5.96 -8.08
C VAL A 93 10.76 -5.20 -9.24
N ALA A 94 11.60 -4.46 -9.97
CA ALA A 94 11.24 -3.74 -11.19
C ALA A 94 10.12 -2.74 -10.96
N CYS A 95 9.80 -2.43 -9.72
CA CYS A 95 8.72 -1.50 -9.42
C CYS A 95 9.12 -0.06 -9.68
N ALA A 96 8.15 0.72 -10.12
CA ALA A 96 8.36 2.14 -10.42
C ALA A 96 7.37 2.96 -9.61
N LYS A 97 7.85 4.06 -9.04
CA LYS A 97 7.00 4.97 -8.28
C LYS A 97 7.28 6.41 -8.71
N ARG A 98 6.20 7.18 -8.89
CA ARG A 98 6.28 8.58 -9.26
C ARG A 98 5.35 9.38 -8.38
N VAL A 99 5.85 10.46 -7.80
CA VAL A 99 5.09 11.24 -6.81
C VAL A 99 5.26 12.72 -7.09
N VAL A 100 4.17 13.47 -6.95
CA VAL A 100 4.18 14.93 -6.86
C VAL A 100 3.50 15.31 -5.56
N ARG A 101 4.14 16.18 -4.77
CA ARG A 101 3.65 16.49 -3.43
C ARG A 101 3.74 18.00 -3.16
N ASP A 102 2.58 18.63 -2.90
CA ASP A 102 2.44 20.04 -2.53
C ASP A 102 3.04 21.06 -3.50
N PRO A 103 2.89 20.90 -4.84
CA PRO A 103 3.44 21.89 -5.79
C PRO A 103 3.42 23.35 -5.40
N GLN A 104 2.25 23.89 -5.02
CA GLN A 104 2.08 25.33 -4.95
C GLN A 104 1.14 25.75 -3.83
N GLY A 105 1.31 27.00 -3.41
CA GLY A 105 0.40 27.70 -2.53
C GLY A 105 0.68 27.54 -1.05
N ILE A 106 0.11 28.50 -0.30
CA ILE A 106 0.40 28.72 1.12
C ILE A 106 0.18 27.45 1.94
N ARG A 107 1.20 27.07 2.71
CA ARG A 107 1.06 26.23 3.89
C ARG A 107 1.38 27.07 5.11
N ALA A 108 0.52 27.03 6.13
CA ALA A 108 0.84 27.59 7.43
C ALA A 108 0.54 26.60 8.53
N TRP A 109 1.51 26.39 9.42
CA TRP A 109 1.34 25.55 10.60
C TRP A 109 1.60 26.40 11.84
N VAL A 110 0.63 26.46 12.75
CA VAL A 110 0.73 27.30 13.94
C VAL A 110 0.36 26.47 15.15
N ALA A 111 1.17 26.54 16.21
CA ALA A 111 0.86 25.91 17.48
C ALA A 111 1.37 26.76 18.63
N TRP A 112 0.58 26.91 19.69
CA TRP A 112 1.09 27.52 20.90
C TRP A 112 0.48 26.89 22.14
N ARG A 113 1.23 26.92 23.23
CA ARG A 113 0.84 26.41 24.56
C ARG A 113 0.39 24.95 24.55
N ASN A 114 0.73 24.17 23.52
CA ASN A 114 0.42 22.76 23.56
C ASN A 114 1.31 22.05 24.57
N ARG A 115 0.75 21.10 25.30
CA ARG A 115 1.50 20.27 26.22
C ARG A 115 1.42 18.82 25.76
N CYS A 116 2.57 18.19 25.58
CA CYS A 116 2.65 16.80 25.18
C CYS A 116 3.57 16.06 26.15
N GLN A 117 3.14 14.89 26.60
CA GLN A 117 3.92 14.10 27.55
C GLN A 117 3.98 12.66 27.08
N ASN A 118 5.18 12.09 27.14
CA ASN A 118 5.39 10.65 27.08
C ASN A 118 6.01 10.22 28.39
N ARG A 119 5.53 9.12 28.96
CA ARG A 119 6.09 8.64 30.20
C ARG A 119 6.07 7.12 30.24
N ASP A 120 7.24 6.53 30.54
CA ASP A 120 7.46 5.09 30.49
C ASP A 120 7.08 4.48 29.14
N VAL A 121 7.81 4.89 28.11
CA VAL A 121 7.53 4.46 26.75
C VAL A 121 8.70 3.61 26.28
N ARG A 122 8.40 2.36 25.92
CA ARG A 122 9.41 1.40 25.47
C ARG A 122 8.98 0.75 24.17
N GLN A 123 9.93 0.65 23.23
CA GLN A 123 9.71 0.07 21.91
C GLN A 123 10.75 -1.01 21.68
N TYR A 124 10.29 -2.18 21.26
CA TYR A 124 11.15 -3.33 20.99
C TYR A 124 10.90 -3.80 19.56
N VAL A 125 11.95 -3.83 18.75
CA VAL A 125 11.85 -4.20 17.34
C VAL A 125 12.95 -5.19 17.02
N GLN A 126 12.57 -6.36 16.50
CA GLN A 126 13.32 -7.60 16.62
C GLN A 126 13.03 -8.43 15.36
N GLY A 127 13.50 -7.93 14.22
CA GLY A 127 13.29 -8.60 12.95
C GLY A 127 14.14 -9.83 12.75
N CYS A 128 14.00 -10.82 13.63
CA CYS A 128 14.94 -11.93 13.72
C CYS A 128 14.80 -12.91 12.57
N UNK B 1 -3.87 37.92 22.44
CA UNK B 1 -4.60 37.57 21.23
C UNK B 1 -3.66 37.04 20.15
N UNK B 2 -4.17 36.18 19.28
CA UNK B 2 -3.44 35.70 18.13
C UNK B 2 -4.26 35.92 16.87
N UNK B 3 -3.63 36.46 15.84
CA UNK B 3 -4.30 36.74 14.57
C UNK B 3 -3.46 36.19 13.44
N UNK B 4 -4.09 35.47 12.52
CA UNK B 4 -3.42 34.94 11.34
C UNK B 4 -4.27 35.21 10.11
N UNK B 5 -3.63 35.65 9.03
CA UNK B 5 -4.30 35.89 7.77
C UNK B 5 -3.45 35.31 6.65
N UNK B 6 -4.09 34.58 5.74
CA UNK B 6 -3.44 34.01 4.56
C UNK B 6 -4.29 34.30 3.34
N UNK B 7 -3.66 34.85 2.29
CA UNK B 7 -4.37 35.24 1.08
C UNK B 7 -3.57 34.82 -0.13
N UNK B 8 -4.28 34.35 -1.16
CA UNK B 8 -3.66 34.04 -2.45
C UNK B 8 -4.51 34.63 -3.57
N UNK B 9 -3.83 35.26 -4.53
CA UNK B 9 -4.48 35.82 -5.71
C UNK B 9 -3.76 35.33 -6.95
N UNK B 10 -4.50 34.73 -7.87
CA UNK B 10 -3.93 34.27 -9.13
C UNK B 10 -3.98 35.37 -10.19
N GLY C 22 8.95 -2.55 -17.34
CA GLY C 22 8.89 -3.53 -16.27
C GLY C 22 9.92 -4.64 -16.43
N ILE C 23 9.44 -5.87 -16.62
CA ILE C 23 10.30 -7.02 -16.88
C ILE C 23 10.00 -7.54 -18.27
N SER C 24 11.04 -7.72 -19.07
CA SER C 24 10.92 -8.35 -20.38
C SER C 24 11.89 -9.51 -20.47
N LEU C 25 11.38 -10.70 -20.79
CA LEU C 25 12.21 -11.85 -21.11
C LEU C 25 11.85 -12.34 -22.50
N ALA C 26 12.82 -12.96 -23.16
CA ALA C 26 12.59 -13.64 -24.43
C ALA C 26 13.48 -14.86 -24.52
N ASN C 27 12.94 -15.93 -25.13
CA ASN C 27 13.67 -17.18 -25.31
C ASN C 27 13.48 -17.66 -26.74
N TRP C 28 14.60 -17.94 -27.42
CA TRP C 28 14.57 -18.39 -28.81
C TRP C 28 15.35 -19.70 -28.95
N MET C 29 14.95 -20.48 -29.95
CA MET C 29 15.73 -21.62 -30.42
C MET C 29 15.47 -21.77 -31.91
N CYS C 30 16.50 -22.24 -32.62
CA CYS C 30 16.42 -22.37 -34.07
C CYS C 30 17.38 -23.45 -34.53
N LEU C 31 17.04 -24.07 -35.66
CA LEU C 31 17.91 -25.07 -36.27
C LEU C 31 17.55 -25.20 -37.73
N ALA C 32 18.49 -25.75 -38.50
CA ALA C 32 18.24 -26.09 -39.90
C ALA C 32 19.17 -27.22 -40.30
N LYS C 33 18.78 -27.93 -41.36
CA LYS C 33 19.62 -28.99 -41.90
C LYS C 33 19.25 -29.20 -43.36
N TRP C 34 20.13 -29.88 -44.08
CA TRP C 34 19.94 -30.11 -45.51
C TRP C 34 20.76 -31.31 -45.97
N ARG C 50 21.74 -35.90 -30.83
CA ARG C 50 20.79 -35.53 -29.78
C ARG C 50 20.98 -34.08 -29.36
N SER C 51 19.98 -33.53 -28.68
CA SER C 51 20.06 -32.20 -28.11
C SER C 51 19.01 -32.06 -27.02
N THR C 52 19.40 -31.49 -25.89
CA THR C 52 18.48 -31.21 -24.78
C THR C 52 18.91 -29.89 -24.15
N ASP C 53 18.24 -28.81 -24.53
CA ASP C 53 18.62 -27.47 -24.11
C ASP C 53 17.61 -26.91 -23.13
N TYR C 54 18.09 -26.22 -22.11
CA TYR C 54 17.28 -25.82 -20.98
C TYR C 54 17.27 -24.30 -20.84
N GLY C 55 16.13 -23.76 -20.45
CA GLY C 55 16.05 -22.37 -20.07
C GLY C 55 15.25 -22.21 -18.80
N ILE C 56 15.89 -21.81 -17.70
CA ILE C 56 15.24 -21.75 -16.41
C ILE C 56 15.29 -20.30 -15.93
N PHE C 57 14.13 -19.72 -15.65
CA PHE C 57 14.05 -18.34 -15.23
C PHE C 57 13.29 -18.28 -13.91
N GLN C 58 13.91 -17.67 -12.90
CA GLN C 58 13.36 -17.67 -11.54
C GLN C 58 13.59 -16.28 -10.98
N ILE C 59 12.57 -15.41 -11.08
CA ILE C 59 12.81 -13.99 -10.82
C ILE C 59 12.70 -13.67 -9.33
N ASN C 60 11.48 -13.61 -8.80
CA ASN C 60 11.26 -13.25 -7.41
C ASN C 60 10.86 -14.45 -6.57
N SER C 61 11.20 -15.65 -7.03
CA SER C 61 10.65 -16.87 -6.46
C SER C 61 11.35 -17.23 -5.15
N ARG C 62 10.63 -17.95 -4.30
CA ARG C 62 11.16 -18.44 -3.03
C ARG C 62 10.99 -19.93 -2.94
N TYR C 63 12.04 -20.62 -2.48
CA TYR C 63 12.05 -22.07 -2.41
C TYR C 63 12.51 -22.50 -1.02
N TRP C 64 11.73 -23.35 -0.38
CA TRP C 64 12.00 -23.89 0.96
C TRP C 64 12.14 -22.80 2.02
N CYS C 65 11.77 -21.56 1.75
CA CYS C 65 12.07 -20.48 2.67
C CYS C 65 10.98 -20.33 3.74
N ASN C 66 11.35 -19.67 4.83
CA ASN C 66 10.41 -19.32 5.90
C ASN C 66 10.23 -17.81 5.97
N ASP C 67 9.95 -17.19 4.83
CA ASP C 67 9.83 -15.73 4.75
C ASP C 67 8.74 -15.19 5.68
N GLY C 68 9.02 -14.03 6.26
CA GLY C 68 8.07 -13.31 7.10
C GLY C 68 8.38 -11.83 7.13
N LYS C 69 7.37 -10.96 7.00
CA LYS C 69 7.63 -9.53 7.01
C LYS C 69 6.45 -8.75 7.57
N THR C 70 6.75 -7.68 8.30
CA THR C 70 5.80 -7.05 9.22
C THR C 70 5.85 -5.52 9.11
N PRO C 71 5.78 -4.94 7.92
CA PRO C 71 6.04 -3.50 7.78
C PRO C 71 4.95 -2.62 8.37
N GLY C 72 5.38 -1.54 9.01
CA GLY C 72 4.52 -0.39 9.26
C GLY C 72 3.60 -0.41 10.47
N ALA C 73 3.93 -1.15 11.51
CA ALA C 73 3.10 -1.16 12.71
C ALA C 73 3.16 0.19 13.43
N VAL C 74 1.98 0.74 13.76
CA VAL C 74 1.86 2.04 14.40
C VAL C 74 1.13 1.87 15.73
N ASN C 75 1.68 2.44 16.80
CA ASN C 75 1.07 2.36 18.11
C ASN C 75 1.00 3.70 18.83
N ALA C 76 -0.15 3.99 19.43
CA ALA C 76 -0.32 5.00 20.46
C ALA C 76 0.06 6.41 20.03
N CYS C 77 0.05 6.71 18.74
CA CYS C 77 0.40 8.05 18.31
C CYS C 77 -0.71 9.03 18.63
N HIS C 78 -0.33 10.25 19.00
CA HIS C 78 -1.25 11.38 19.09
C HIS C 78 -0.98 12.29 17.91
N LEU C 79 -1.99 12.51 17.09
CA LEU C 79 -1.96 13.49 16.03
C LEU C 79 -2.94 14.60 16.33
N SER C 80 -2.44 15.82 16.50
CA SER C 80 -3.31 16.95 16.79
C SER C 80 -3.93 17.52 15.51
N CYS C 81 -3.14 18.23 14.73
CA CYS C 81 -3.53 18.69 13.40
C CYS C 81 -2.49 18.23 12.37
N SER C 82 -2.42 16.92 12.15
CA SER C 82 -1.21 16.31 11.64
C SER C 82 -1.54 15.17 10.68
N ALA C 83 -0.57 14.80 9.85
CA ALA C 83 -0.75 13.71 8.90
C ALA C 83 0.31 12.64 9.13
N LEU C 84 -0.10 11.38 9.00
CA LEU C 84 0.82 10.24 8.94
C LEU C 84 0.55 9.44 7.68
N LEU C 85 1.58 9.17 6.89
CA LEU C 85 1.44 8.44 5.63
C LEU C 85 2.44 7.31 5.55
N GLN C 86 1.98 6.13 5.11
CA GLN C 86 2.83 4.96 4.99
C GLN C 86 2.50 4.22 3.70
N ASP C 87 3.54 3.81 2.99
CA ASP C 87 3.46 2.80 1.92
C ASP C 87 4.11 1.50 2.39
N ASN C 88 3.30 0.54 2.85
CA ASN C 88 3.84 -0.69 3.42
C ASN C 88 3.96 -1.81 2.38
N ILE C 89 4.48 -1.51 1.20
CA ILE C 89 4.57 -2.45 0.08
C ILE C 89 5.47 -3.62 0.44
N ALA C 90 4.90 -4.82 0.55
CA ALA C 90 5.60 -5.96 1.13
C ALA C 90 6.30 -6.86 0.13
N ASP C 91 5.85 -6.91 -1.13
CA ASP C 91 6.39 -7.94 -2.02
C ASP C 91 6.19 -7.64 -3.51
N ALA C 92 5.96 -6.38 -3.91
CA ALA C 92 5.50 -6.09 -5.25
C ALA C 92 6.49 -6.56 -6.30
N VAL C 93 5.97 -7.05 -7.44
CA VAL C 93 6.76 -7.30 -8.63
C VAL C 93 6.16 -6.52 -9.80
N ALA C 94 7.02 -5.80 -10.53
CA ALA C 94 6.65 -5.08 -11.74
C ALA C 94 5.52 -4.08 -11.52
N CYS C 95 5.27 -3.70 -10.27
CA CYS C 95 4.15 -2.83 -9.93
C CYS C 95 4.51 -1.37 -10.17
N ALA C 96 3.51 -0.60 -10.60
CA ALA C 96 3.68 0.81 -10.91
C ALA C 96 2.74 1.62 -10.02
N LYS C 97 3.24 2.73 -9.49
CA LYS C 97 2.44 3.64 -8.68
C LYS C 97 2.69 5.07 -9.12
N ARG C 98 1.61 5.83 -9.26
CA ARG C 98 1.67 7.24 -9.66
C ARG C 98 0.78 8.05 -8.73
N VAL C 99 1.31 9.14 -8.19
CA VAL C 99 0.61 9.91 -7.16
C VAL C 99 0.75 11.40 -7.44
N VAL C 100 -0.34 12.13 -7.21
CA VAL C 100 -0.35 13.58 -7.12
C VAL C 100 -1.04 13.96 -5.81
N ARG C 101 -0.42 14.85 -5.04
CA ARG C 101 -0.90 15.14 -3.68
C ARG C 101 -0.82 16.63 -3.38
N ASP C 102 -1.98 17.25 -3.09
CA ASP C 102 -2.14 18.66 -2.72
C ASP C 102 -1.56 19.70 -3.67
N PRO C 103 -1.75 19.58 -5.00
CA PRO C 103 -1.22 20.58 -5.94
C PRO C 103 -1.29 22.05 -5.52
N GLN C 104 -2.45 22.55 -5.10
CA GLN C 104 -2.66 23.98 -5.00
C GLN C 104 -3.58 24.36 -3.84
N GLY C 105 -3.44 25.60 -3.40
CA GLY C 105 -4.34 26.26 -2.48
C GLY C 105 -4.02 26.09 -1.01
N ILE C 106 -4.62 26.98 -0.22
CA ILE C 106 -4.27 27.19 1.19
C ILE C 106 -4.44 25.92 2.01
N ARG C 107 -3.40 25.58 2.77
CA ARG C 107 -3.51 24.73 3.94
C ARG C 107 -3.18 25.55 5.18
N ALA C 108 -4.04 25.48 6.19
CA ALA C 108 -3.71 26.03 7.51
C ALA C 108 -4.01 25.01 8.59
N TRP C 109 -3.04 24.76 9.46
CA TRP C 109 -3.19 23.88 10.61
C TRP C 109 -2.93 24.66 11.89
N VAL C 110 -3.92 24.72 12.78
CA VAL C 110 -3.82 25.53 14.00
C VAL C 110 -4.16 24.64 15.18
N ALA C 111 -3.31 24.65 16.20
CA ALA C 111 -3.61 24.01 17.47
C ALA C 111 -3.11 24.86 18.63
N TRP C 112 -3.91 24.99 19.69
CA TRP C 112 -3.41 25.63 20.89
C TRP C 112 -4.02 24.99 22.14
N ARG C 113 -3.24 25.03 23.23
CA ARG C 113 -3.62 24.52 24.55
C ARG C 113 -4.06 23.06 24.52
N ASN C 114 -3.73 22.31 23.49
CA ASN C 114 -4.03 20.88 23.49
C ASN C 114 -3.13 20.16 24.49
N ARG C 115 -3.69 19.15 25.14
CA ARG C 115 -2.93 18.30 26.05
C ARG C 115 -2.99 16.86 25.57
N CYS C 116 -1.83 16.25 25.39
CA CYS C 116 -1.72 14.85 24.97
C CYS C 116 -0.76 14.12 25.91
N GLN C 117 -1.18 12.95 26.38
CA GLN C 117 -0.35 12.16 27.28
C GLN C 117 -0.34 10.71 26.84
N ASN C 118 0.85 10.11 26.85
CA ASN C 118 1.02 8.67 26.78
C ASN C 118 1.67 8.22 28.08
N ARG C 119 1.12 7.16 28.68
CA ARG C 119 1.70 6.64 29.91
C ARG C 119 1.70 5.13 29.92
N ASP C 120 2.85 4.54 30.20
CA ASP C 120 3.08 3.09 30.16
C ASP C 120 2.66 2.49 28.81
N VAL C 121 3.40 2.87 27.79
CA VAL C 121 3.10 2.48 26.42
C VAL C 121 4.24 1.63 25.89
N ARG C 122 3.91 0.44 25.39
CA ARG C 122 4.92 -0.53 24.97
C ARG C 122 4.55 -1.10 23.62
N GLN C 123 5.53 -1.21 22.72
CA GLN C 123 5.33 -1.80 21.41
C GLN C 123 6.37 -2.88 21.15
N TYR C 124 5.92 -4.04 20.68
CA TYR C 124 6.79 -5.18 20.42
C TYR C 124 6.54 -5.62 18.99
N VAL C 125 7.59 -5.61 18.17
CA VAL C 125 7.47 -5.93 16.74
C VAL C 125 8.58 -6.90 16.36
N GLN C 126 8.21 -8.07 15.85
CA GLN C 126 9.02 -9.29 15.91
C GLN C 126 8.76 -10.08 14.62
N GLY C 127 9.28 -9.58 13.51
CA GLY C 127 9.04 -10.17 12.22
C GLY C 127 9.83 -11.44 11.95
N CYS C 128 9.71 -12.43 12.83
CA CYS C 128 10.62 -13.57 12.84
C CYS C 128 10.43 -14.50 11.64
N UNK D 1 -8.40 36.23 22.62
CA UNK D 1 -9.16 35.80 21.46
C UNK D 1 -8.25 35.43 20.30
N UNK D 2 -8.72 34.53 19.44
CA UNK D 2 -7.97 34.11 18.27
C UNK D 2 -8.82 34.28 17.02
N UNK D 3 -8.22 34.83 15.97
CA UNK D 3 -8.92 35.07 14.71
C UNK D 3 -8.05 34.59 13.56
N UNK D 4 -8.63 33.82 12.65
CA UNK D 4 -7.93 33.33 11.47
C UNK D 4 -8.79 33.58 10.24
N UNK D 5 -8.16 34.05 9.17
CA UNK D 5 -8.84 34.35 7.91
C UNK D 5 -8.04 33.76 6.77
N UNK D 6 -8.74 33.11 5.85
CA UNK D 6 -8.12 32.53 4.65
C UNK D 6 -8.93 32.91 3.43
N UNK D 7 -8.26 33.43 2.41
CA UNK D 7 -8.91 33.87 1.19
C UNK D 7 -8.14 33.37 -0.01
N UNK D 8 -8.87 32.91 -1.03
CA UNK D 8 -8.28 32.58 -2.32
C UNK D 8 -9.14 33.16 -3.43
N UNK D 9 -8.50 33.80 -4.40
CA UNK D 9 -9.19 34.30 -5.59
C UNK D 9 -8.44 33.79 -6.82
N UNK D 10 -9.16 33.10 -7.70
CA UNK D 10 -8.57 32.58 -8.93
C UNK D 10 -8.65 33.61 -10.05
N GLY E 22 4.43 -3.71 -17.93
CA GLY E 22 4.32 -4.74 -16.91
C GLY E 22 5.32 -5.86 -17.09
N ILE E 23 4.83 -7.07 -17.32
CA ILE E 23 5.67 -8.23 -17.60
C ILE E 23 5.37 -8.71 -19.02
N SER E 24 6.43 -8.92 -19.80
CA SER E 24 6.31 -9.52 -21.12
C SER E 24 7.25 -10.71 -21.21
N LEU E 25 6.71 -11.88 -21.54
CA LEU E 25 7.51 -13.04 -21.85
C LEU E 25 7.21 -13.49 -23.27
N ALA E 26 8.20 -14.11 -23.91
CA ALA E 26 7.96 -14.79 -25.18
C ALA E 26 8.89 -15.98 -25.31
N ASN E 27 8.38 -17.05 -25.92
CA ASN E 27 9.14 -18.28 -26.13
C ASN E 27 8.93 -18.76 -27.56
N TRP E 28 10.03 -19.04 -28.26
CA TRP E 28 10.00 -19.44 -29.66
C TRP E 28 10.76 -20.74 -29.84
N MET E 29 10.35 -21.49 -30.86
CA MET E 29 11.16 -22.58 -31.40
C MET E 29 10.83 -22.72 -32.88
N CYS E 30 11.83 -23.17 -33.64
CA CYS E 30 11.66 -23.34 -35.08
C CYS E 30 12.64 -24.39 -35.58
N LEU E 31 12.30 -25.03 -36.68
CA LEU E 31 13.17 -26.02 -37.29
C LEU E 31 12.84 -26.13 -38.78
N ALA E 32 13.80 -26.67 -39.52
CA ALA E 32 13.61 -26.93 -40.94
C ALA E 32 14.46 -28.12 -41.34
N LYS E 33 14.07 -28.78 -42.43
CA LYS E 33 14.85 -29.87 -42.99
C LYS E 33 14.59 -29.96 -44.48
N TRP E 34 15.49 -30.62 -45.18
CA TRP E 34 15.39 -30.78 -46.63
C TRP E 34 16.18 -31.99 -47.10
N ARG E 50 17.22 -36.91 -31.78
CA ARG E 50 16.30 -36.53 -30.72
C ARG E 50 16.41 -35.05 -30.39
N SER E 51 15.40 -34.53 -29.69
CA SER E 51 15.43 -33.16 -29.19
C SER E 51 14.38 -33.03 -28.09
N THR E 52 14.80 -32.48 -26.94
CA THR E 52 13.89 -32.21 -25.84
C THR E 52 14.31 -30.88 -25.20
N ASP E 53 13.65 -29.80 -25.57
CA ASP E 53 14.03 -28.46 -25.14
C ASP E 53 13.00 -27.93 -24.14
N TYR E 54 13.48 -27.26 -23.11
CA TYR E 54 12.66 -26.88 -21.97
C TYR E 54 12.71 -25.37 -21.78
N GLY E 55 11.56 -24.79 -21.46
CA GLY E 55 11.53 -23.41 -21.02
C GLY E 55 10.72 -23.26 -19.75
N ILE E 56 11.36 -22.91 -18.64
CA ILE E 56 10.72 -22.89 -17.34
C ILE E 56 10.79 -21.46 -16.82
N PHE E 57 9.63 -20.88 -16.52
CA PHE E 57 9.56 -19.49 -16.07
C PHE E 57 8.81 -19.46 -14.75
N GLN E 58 9.40 -18.83 -13.74
CA GLN E 58 8.90 -18.86 -12.37
C GLN E 58 9.11 -17.47 -11.79
N ILE E 59 8.07 -16.63 -11.85
CA ILE E 59 8.27 -15.21 -11.54
C ILE E 59 8.15 -14.99 -10.03
N ASN E 60 6.92 -14.88 -9.52
CA ASN E 60 6.70 -14.58 -8.11
C ASN E 60 6.38 -15.83 -7.31
N SER E 61 6.67 -17.00 -7.86
CA SER E 61 6.14 -18.24 -7.34
C SER E 61 6.82 -18.64 -6.03
N ARG E 62 6.11 -19.42 -5.22
CA ARG E 62 6.60 -19.88 -3.93
C ARG E 62 6.49 -21.40 -3.89
N TYR E 63 7.56 -22.06 -3.43
CA TYR E 63 7.62 -23.50 -3.39
C TYR E 63 8.08 -23.96 -2.02
N TRP E 64 7.29 -24.83 -1.38
CA TRP E 64 7.58 -25.37 -0.05
C TRP E 64 7.80 -24.28 1.00
N CYS E 65 7.39 -23.05 0.75
CA CYS E 65 7.68 -21.98 1.68
C CYS E 65 6.62 -21.89 2.78
N ASN E 66 7.00 -21.22 3.87
CA ASN E 66 6.06 -20.90 4.95
C ASN E 66 5.88 -19.40 5.08
N ASP E 67 5.55 -18.75 3.97
CA ASP E 67 5.42 -17.30 3.93
C ASP E 67 4.33 -16.80 4.87
N GLY E 68 4.57 -15.64 5.48
CA GLY E 68 3.58 -14.93 6.28
C GLY E 68 3.90 -13.45 6.36
N LYS E 69 2.90 -12.58 6.28
CA LYS E 69 3.17 -11.14 6.31
C LYS E 69 2.00 -10.37 6.89
N THR E 70 2.31 -9.31 7.65
CA THR E 70 1.36 -8.70 8.57
C THR E 70 1.44 -7.17 8.52
N PRO E 71 1.32 -6.56 7.34
CA PRO E 71 1.59 -5.12 7.23
C PRO E 71 0.51 -4.25 7.86
N GLY E 72 0.94 -3.19 8.54
CA GLY E 72 0.11 -2.03 8.79
C GLY E 72 -0.80 -2.03 10.00
N ALA E 73 -0.52 -2.85 11.01
CA ALA E 73 -1.36 -2.86 12.21
C ALA E 73 -1.30 -1.52 12.94
N VAL E 74 -2.48 -1.00 13.30
CA VAL E 74 -2.62 0.30 13.97
C VAL E 74 -3.32 0.09 15.29
N ASN E 75 -2.79 0.70 16.36
CA ASN E 75 -3.40 0.57 17.68
C ASN E 75 -3.46 1.90 18.42
N ALA E 76 -4.62 2.17 19.03
CA ALA E 76 -4.80 3.18 20.08
C ALA E 76 -4.40 4.59 19.67
N CYS E 77 -4.39 4.91 18.39
CA CYS E 77 -4.04 6.27 17.98
C CYS E 77 -5.17 7.23 18.33
N HIS E 78 -4.80 8.45 18.72
CA HIS E 78 -5.73 9.56 18.83
C HIS E 78 -5.49 10.51 17.67
N LEU E 79 -6.52 10.75 16.89
CA LEU E 79 -6.50 11.75 15.83
C LEU E 79 -7.48 12.86 16.16
N SER E 80 -6.99 14.08 16.32
CA SER E 80 -7.86 15.20 16.61
C SER E 80 -8.41 15.79 15.31
N CYS E 81 -7.59 16.55 14.61
CA CYS E 81 -7.91 17.03 13.26
C CYS E 81 -6.89 16.53 12.26
N SER E 82 -6.82 15.22 12.07
CA SER E 82 -5.62 14.59 11.54
C SER E 82 -5.98 13.48 10.57
N ALA E 83 -5.00 13.07 9.76
CA ALA E 83 -5.21 12.04 8.76
C ALA E 83 -4.17 10.94 8.92
N LEU E 84 -4.60 9.70 8.73
CA LEU E 84 -3.69 8.55 8.65
C LEU E 84 -3.99 7.77 7.38
N LEU E 85 -2.96 7.51 6.57
CA LEU E 85 -3.13 6.85 5.29
C LEU E 85 -2.11 5.73 5.16
N GLN E 86 -2.56 4.56 4.69
CA GLN E 86 -1.72 3.39 4.55
C GLN E 86 -2.03 2.67 3.25
N ASP E 87 -0.98 2.26 2.54
CA ASP E 87 -1.06 1.25 1.48
C ASP E 87 -0.40 -0.05 1.94
N ASN E 88 -1.20 -1.02 2.35
CA ASN E 88 -0.68 -2.27 2.90
C ASN E 88 -0.57 -3.36 1.83
N ILE E 89 0.02 -3.02 0.69
CA ILE E 89 0.08 -3.90 -0.46
C ILE E 89 1.00 -5.08 -0.13
N ALA E 90 0.42 -6.28 -0.03
CA ALA E 90 1.12 -7.43 0.53
C ALA E 90 1.80 -8.30 -0.50
N ASP E 91 1.31 -8.33 -1.74
CA ASP E 91 1.84 -9.34 -2.67
C ASP E 91 1.60 -9.01 -4.15
N ALA E 92 1.36 -7.76 -4.52
CA ALA E 92 0.89 -7.44 -5.87
C ALA E 92 1.90 -7.86 -6.93
N VAL E 93 1.39 -8.35 -8.06
CA VAL E 93 2.20 -8.59 -9.26
C VAL E 93 1.60 -7.77 -10.40
N ALA E 94 2.46 -7.06 -11.12
CA ALA E 94 2.12 -6.28 -12.31
C ALA E 94 1.03 -5.25 -12.06
N CYS E 95 0.72 -4.96 -10.80
CA CYS E 95 -0.39 -4.08 -10.47
C CYS E 95 -0.01 -2.62 -10.64
N ALA E 96 -0.96 -1.81 -11.11
CA ALA E 96 -0.76 -0.41 -11.36
C ALA E 96 -1.73 0.40 -10.51
N LYS E 97 -1.24 1.51 -9.96
CA LYS E 97 -2.07 2.40 -9.15
C LYS E 97 -1.82 3.84 -9.55
N ARG E 98 -2.90 4.61 -9.69
CA ARG E 98 -2.84 6.03 -10.00
C ARG E 98 -3.77 6.79 -9.08
N VAL E 99 -3.26 7.88 -8.47
CA VAL E 99 -3.99 8.60 -7.43
C VAL E 99 -3.83 10.10 -7.67
N VAL E 100 -4.92 10.84 -7.49
CA VAL E 100 -4.89 12.29 -7.35
C VAL E 100 -5.62 12.65 -6.05
N ARG E 101 -4.99 13.49 -5.23
CA ARG E 101 -5.50 13.77 -3.89
C ARG E 101 -5.42 15.26 -3.58
N ASP E 102 -6.58 15.88 -3.30
CA ASP E 102 -6.72 17.29 -2.88
C ASP E 102 -6.14 18.35 -3.82
N PRO E 103 -6.34 18.24 -5.16
CA PRO E 103 -5.79 19.26 -6.08
C PRO E 103 -5.84 20.73 -5.66
N GLN E 104 -6.99 21.23 -5.21
CA GLN E 104 -7.16 22.67 -5.07
C GLN E 104 -8.05 23.03 -3.87
N GLY E 105 -7.85 24.27 -3.41
CA GLY E 105 -8.73 24.93 -2.48
C GLY E 105 -8.45 24.69 -1.00
N ILE E 106 -9.08 25.54 -0.20
CA ILE E 106 -8.79 25.69 1.23
C ILE E 106 -8.95 24.38 1.99
N ARG E 107 -7.94 24.02 2.77
CA ARG E 107 -8.08 23.11 3.89
C ARG E 107 -7.75 23.89 5.16
N ALA E 108 -8.64 23.84 6.15
CA ALA E 108 -8.35 24.38 7.48
C ALA E 108 -8.56 23.29 8.53
N TRP E 109 -7.54 23.07 9.36
CA TRP E 109 -7.63 22.18 10.51
C TRP E 109 -7.39 22.99 11.78
N VAL E 110 -8.37 23.04 12.67
CA VAL E 110 -8.26 23.83 13.89
C VAL E 110 -8.62 22.95 15.07
N ALA E 111 -7.81 23.00 16.13
CA ALA E 111 -8.10 22.30 17.38
C ALA E 111 -7.61 23.13 18.55
N TRP E 112 -8.38 23.18 19.63
CA TRP E 112 -7.83 23.75 20.86
C TRP E 112 -8.45 23.12 22.10
N ARG E 113 -7.68 23.14 23.18
CA ARG E 113 -8.06 22.60 24.50
C ARG E 113 -8.51 21.14 24.45
N ASN E 114 -8.16 20.40 23.40
CA ASN E 114 -8.44 18.98 23.39
C ASN E 114 -7.53 18.26 24.37
N ARG E 115 -8.08 17.24 25.05
CA ARG E 115 -7.30 16.39 25.94
C ARG E 115 -7.36 14.96 25.45
N CYS E 116 -6.20 14.36 25.20
CA CYS E 116 -6.10 12.98 24.73
C CYS E 116 -5.16 12.21 25.65
N GLN E 117 -5.60 11.04 26.12
CA GLN E 117 -4.80 10.22 27.00
C GLN E 117 -4.79 8.78 26.52
N ASN E 118 -3.60 8.18 26.48
CA ASN E 118 -3.43 6.74 26.35
C ASN E 118 -2.77 6.26 27.64
N ARG E 119 -3.30 5.19 28.22
CA ARG E 119 -2.70 4.65 29.43
C ARG E 119 -2.69 3.13 29.40
N ASP E 120 -1.53 2.55 29.70
CA ASP E 120 -1.29 1.11 29.63
C ASP E 120 -1.68 0.52 28.28
N VAL E 121 -0.97 0.97 27.23
CA VAL E 121 -1.28 0.60 25.86
C VAL E 121 -0.14 -0.22 25.30
N ARG E 122 -0.45 -1.40 24.77
CA ARG E 122 0.55 -2.37 24.33
C ARG E 122 0.18 -2.91 22.96
N GLN E 123 1.16 -3.01 22.07
CA GLN E 123 0.97 -3.60 20.76
C GLN E 123 2.02 -4.68 20.51
N TYR E 124 1.57 -5.86 20.09
CA TYR E 124 2.44 -6.99 19.79
C TYR E 124 2.17 -7.40 18.36
N VAL E 125 3.18 -7.35 17.51
CA VAL E 125 3.02 -7.66 16.09
C VAL E 125 4.11 -8.64 15.67
N GLN E 126 3.72 -9.80 15.14
CA GLN E 126 4.52 -11.01 15.16
C GLN E 126 4.25 -11.79 13.88
N GLY E 127 4.78 -11.29 12.76
CA GLY E 127 4.55 -11.89 11.47
C GLY E 127 5.36 -13.15 11.21
N CYS E 128 5.26 -14.12 12.12
CA CYS E 128 6.20 -15.24 12.19
C CYS E 128 6.11 -16.20 11.01
N UNK F 1 -12.82 34.23 22.80
CA UNK F 1 -13.57 33.85 21.61
C UNK F 1 -12.64 33.43 20.48
N UNK F 2 -13.13 32.57 19.60
CA UNK F 2 -12.39 32.18 18.40
C UNK F 2 -13.27 32.40 17.18
N UNK F 3 -12.69 32.98 16.14
CA UNK F 3 -13.38 33.23 14.88
C UNK F 3 -12.54 32.74 13.72
N UNK F 4 -13.17 32.06 12.78
CA UNK F 4 -12.50 31.57 11.58
C UNK F 4 -13.33 31.93 10.36
N UNK F 5 -12.67 32.39 9.30
CA UNK F 5 -13.31 32.72 8.04
C UNK F 5 -12.52 32.10 6.90
N UNK F 6 -13.22 31.47 5.96
CA UNK F 6 -12.61 30.91 4.77
C UNK F 6 -13.44 31.28 3.55
N UNK F 7 -12.80 31.85 2.54
CA UNK F 7 -13.48 32.29 1.33
C UNK F 7 -12.67 31.88 0.11
N UNK F 8 -13.34 31.37 -0.90
CA UNK F 8 -12.73 31.08 -2.19
C UNK F 8 -13.60 31.64 -3.31
N UNK F 9 -12.96 32.29 -4.28
CA UNK F 9 -13.64 32.81 -5.45
C UNK F 9 -12.95 32.29 -6.71
N UNK F 10 -13.73 31.71 -7.60
CA UNK F 10 -13.20 31.22 -8.87
C UNK F 10 -13.27 32.30 -9.94
N GLY G 22 -0.13 -4.91 -18.50
CA GLY G 22 -0.21 -5.94 -17.48
C GLY G 22 0.81 -7.04 -17.67
N ILE G 23 0.32 -8.27 -17.86
CA ILE G 23 1.17 -9.41 -18.16
C ILE G 23 0.83 -9.91 -19.56
N SER G 24 1.86 -10.11 -20.38
CA SER G 24 1.71 -10.67 -21.72
C SER G 24 2.67 -11.85 -21.86
N LEU G 25 2.12 -13.02 -22.21
CA LEU G 25 2.93 -14.17 -22.55
C LEU G 25 2.58 -14.62 -23.97
N ALA G 26 3.55 -15.22 -24.64
CA ALA G 26 3.30 -15.85 -25.93
C ALA G 26 4.22 -17.05 -26.10
N ASN G 27 3.70 -18.09 -26.75
CA ASN G 27 4.45 -19.31 -26.98
C ASN G 27 4.25 -19.76 -28.42
N TRP G 28 5.36 -20.01 -29.12
CA TRP G 28 5.34 -20.36 -30.53
C TRP G 28 6.09 -21.67 -30.75
N MET G 29 5.67 -22.39 -31.79
CA MET G 29 6.43 -23.53 -32.29
C MET G 29 6.18 -23.66 -33.78
N CYS G 30 7.17 -24.19 -34.49
CA CYS G 30 7.12 -24.22 -35.95
C CYS G 30 8.00 -25.36 -36.44
N LEU G 31 7.67 -25.85 -37.64
CA LEU G 31 8.44 -26.92 -38.25
C LEU G 31 8.24 -26.87 -39.75
N ALA G 32 9.19 -27.47 -40.48
CA ALA G 32 9.06 -27.68 -41.91
C ALA G 32 9.89 -28.87 -42.32
N LYS G 33 9.53 -29.47 -43.45
CA LYS G 33 10.28 -30.58 -44.00
C LYS G 33 10.05 -30.64 -45.51
N TRP G 34 10.94 -31.34 -46.20
CA TRP G 34 10.89 -31.42 -47.65
C TRP G 34 11.62 -32.67 -48.14
N ARG G 50 12.47 -37.61 -33.28
CA ARG G 50 11.63 -37.29 -32.14
C ARG G 50 11.74 -35.81 -31.78
N SER G 51 10.74 -35.31 -31.04
CA SER G 51 10.81 -33.98 -30.45
C SER G 51 9.77 -33.91 -29.33
N THR G 52 10.20 -33.44 -28.15
CA THR G 52 9.28 -33.26 -27.02
C THR G 52 9.70 -31.97 -26.32
N ASP G 53 9.03 -30.87 -26.64
CA ASP G 53 9.40 -29.55 -26.14
C ASP G 53 8.37 -29.06 -25.15
N TYR G 54 8.83 -28.41 -24.09
CA TYR G 54 8.00 -28.05 -22.96
C TYR G 54 8.05 -26.55 -22.74
N GLY G 55 6.91 -25.97 -22.39
CA GLY G 55 6.87 -24.60 -21.93
C GLY G 55 6.08 -24.46 -20.66
N ILE G 56 6.73 -24.16 -19.55
CA ILE G 56 6.10 -24.12 -18.24
C ILE G 56 6.19 -22.70 -17.72
N PHE G 57 5.05 -22.10 -17.39
CA PHE G 57 5.01 -20.74 -16.91
C PHE G 57 4.24 -20.71 -15.60
N GLN G 58 4.84 -20.11 -14.58
CA GLN G 58 4.30 -20.15 -13.22
C GLN G 58 4.51 -18.77 -12.61
N ILE G 59 3.49 -17.92 -12.66
CA ILE G 59 3.69 -16.51 -12.34
C ILE G 59 3.59 -16.28 -10.84
N ASN G 60 2.36 -16.19 -10.32
CA ASN G 60 2.15 -15.92 -8.91
C ASN G 60 1.81 -17.18 -8.12
N SER G 61 2.10 -18.34 -8.69
CA SER G 61 1.59 -19.60 -8.16
C SER G 61 2.30 -19.99 -6.87
N ARG G 62 1.61 -20.76 -6.04
CA ARG G 62 2.14 -21.24 -4.78
C ARG G 62 2.02 -22.76 -4.74
N TYR G 63 3.10 -23.45 -4.37
CA TYR G 63 3.13 -24.89 -4.33
C TYR G 63 3.61 -25.35 -2.96
N TRP G 64 2.83 -26.23 -2.33
CA TRP G 64 3.14 -26.80 -1.02
C TRP G 64 3.31 -25.75 0.08
N CYS G 65 2.94 -24.50 -0.17
CA CYS G 65 3.23 -23.45 0.80
C CYS G 65 2.16 -23.37 1.89
N ASN G 66 2.51 -22.73 3.00
CA ASN G 66 1.59 -22.43 4.08
C ASN G 66 1.41 -20.92 4.24
N ASP G 67 1.17 -20.23 3.14
CA ASP G 67 1.01 -18.78 3.14
C ASP G 67 -0.11 -18.33 4.08
N GLY G 68 0.13 -17.19 4.75
CA GLY G 68 -0.89 -16.51 5.53
C GLY G 68 -0.59 -15.03 5.66
N LYS G 69 -1.60 -14.15 5.57
CA LYS G 69 -1.34 -12.72 5.63
C LYS G 69 -2.52 -11.96 6.21
N THR G 70 -2.21 -10.92 6.99
CA THR G 70 -3.16 -10.32 7.92
C THR G 70 -3.05 -8.79 7.89
N PRO G 71 -3.19 -8.16 6.72
CA PRO G 71 -2.93 -6.71 6.62
C PRO G 71 -3.99 -5.85 7.28
N GLY G 72 -3.52 -4.81 7.97
CA GLY G 72 -4.33 -3.64 8.28
C GLY G 72 -5.26 -3.67 9.47
N ALA G 73 -5.01 -4.52 10.46
CA ALA G 73 -5.83 -4.53 11.67
C ALA G 73 -5.73 -3.20 12.42
N VAL G 74 -6.88 -2.67 12.83
CA VAL G 74 -6.97 -1.37 13.51
C VAL G 74 -7.70 -1.57 14.83
N ASN G 75 -7.16 -1.01 15.92
CA ASN G 75 -7.76 -1.16 17.24
C ASN G 75 -7.83 0.16 18.00
N ALA G 76 -8.98 0.41 18.62
CA ALA G 76 -9.16 1.39 19.70
C ALA G 76 -8.81 2.82 19.31
N CYS G 77 -8.80 3.15 18.03
CA CYS G 77 -8.47 4.51 17.63
C CYS G 77 -9.60 5.47 18.00
N HIS G 78 -9.24 6.68 18.39
CA HIS G 78 -10.19 7.79 18.50
C HIS G 78 -9.92 8.78 17.37
N LEU G 79 -10.93 9.02 16.55
CA LEU G 79 -10.88 10.04 15.53
C LEU G 79 -11.88 11.13 15.88
N SER G 80 -11.38 12.35 16.09
CA SER G 80 -12.27 13.47 16.41
C SER G 80 -12.86 14.08 15.14
N CYS G 81 -12.05 14.82 14.40
CA CYS G 81 -12.42 15.34 13.08
C CYS G 81 -11.37 14.88 12.07
N SER G 82 -11.35 13.58 11.79
CA SER G 82 -10.16 12.93 11.28
C SER G 82 -10.52 11.85 10.28
N ALA G 83 -9.55 11.43 9.47
CA ALA G 83 -9.77 10.40 8.48
C ALA G 83 -8.70 9.31 8.62
N LEU G 84 -9.10 8.06 8.44
CA LEU G 84 -8.19 6.94 8.35
C LEU G 84 -8.47 6.16 7.07
N LEU G 85 -7.44 5.92 6.25
CA LEU G 85 -7.61 5.28 4.97
C LEU G 85 -6.60 4.15 4.80
N GLN G 86 -7.07 3.00 4.31
CA GLN G 86 -6.22 1.82 4.16
C GLN G 86 -6.54 1.13 2.84
N ASP G 87 -5.50 0.75 2.11
CA ASP G 87 -5.59 -0.21 1.01
C ASP G 87 -4.92 -1.51 1.43
N ASN G 88 -5.72 -2.48 1.87
CA ASN G 88 -5.19 -3.74 2.42
C ASN G 88 -5.09 -4.82 1.34
N ILE G 89 -4.52 -4.46 0.19
CA ILE G 89 -4.49 -5.34 -0.98
C ILE G 89 -3.57 -6.52 -0.69
N ALA G 90 -4.14 -7.72 -0.62
CA ALA G 90 -3.43 -8.88 -0.07
C ALA G 90 -2.73 -9.73 -1.12
N ASP G 91 -3.20 -9.72 -2.38
CA ASP G 91 -2.68 -10.73 -3.32
C ASP G 91 -2.92 -10.40 -4.79
N ALA G 92 -3.15 -9.15 -5.16
CA ALA G 92 -3.64 -8.82 -6.49
C ALA G 92 -2.63 -9.23 -7.56
N VAL G 93 -3.15 -9.64 -8.72
CA VAL G 93 -2.34 -9.85 -9.92
C VAL G 93 -2.97 -9.05 -11.05
N ALA G 94 -2.13 -8.27 -11.75
CA ALA G 94 -2.50 -7.49 -12.92
C ALA G 94 -3.64 -6.52 -12.67
N CYS G 95 -3.97 -6.27 -11.40
CA CYS G 95 -5.04 -5.37 -11.04
C CYS G 95 -4.62 -3.91 -11.21
N ALA G 96 -5.58 -3.08 -11.59
CA ALA G 96 -5.34 -1.66 -11.83
C ALA G 96 -6.36 -0.85 -11.03
N LYS G 97 -5.88 0.22 -10.41
CA LYS G 97 -6.73 1.08 -9.58
C LYS G 97 -6.48 2.53 -9.93
N ARG G 98 -7.57 3.30 -10.08
CA ARG G 98 -7.50 4.72 -10.38
C ARG G 98 -8.43 5.46 -9.43
N VAL G 99 -7.90 6.52 -8.78
CA VAL G 99 -8.62 7.21 -7.72
C VAL G 99 -8.46 8.71 -7.90
N VAL G 100 -9.56 9.44 -7.66
CA VAL G 100 -9.55 10.90 -7.52
C VAL G 100 -10.22 11.23 -6.19
N ARG G 101 -9.60 12.11 -5.40
CA ARG G 101 -10.04 12.34 -4.03
C ARG G 101 -9.95 13.82 -3.68
N ASP G 102 -11.12 14.43 -3.38
CA ASP G 102 -11.26 15.83 -2.95
C ASP G 102 -10.71 16.90 -3.90
N PRO G 103 -10.93 16.80 -5.23
CA PRO G 103 -10.42 17.81 -6.16
C PRO G 103 -10.47 19.28 -5.73
N GLN G 104 -11.62 19.77 -5.28
CA GLN G 104 -11.81 21.20 -5.12
C GLN G 104 -12.71 21.55 -3.94
N GLY G 105 -12.53 22.78 -3.46
CA GLY G 105 -13.42 23.42 -2.52
C GLY G 105 -13.12 23.17 -1.05
N ILE G 106 -13.69 24.06 -0.23
CA ILE G 106 -13.39 24.20 1.20
C ILE G 106 -13.53 22.88 1.94
N ARG G 107 -12.48 22.51 2.68
CA ARG G 107 -12.58 21.60 3.80
C ARG G 107 -12.25 22.38 5.07
N ALA G 108 -13.09 22.26 6.10
CA ALA G 108 -12.74 22.76 7.42
C ALA G 108 -13.00 21.68 8.46
N TRP G 109 -12.01 21.43 9.31
CA TRP G 109 -12.15 20.52 10.44
C TRP G 109 -11.88 21.29 11.72
N VAL G 110 -12.84 21.29 12.65
CA VAL G 110 -12.74 22.08 13.87
C VAL G 110 -13.12 21.19 15.03
N ALA G 111 -12.31 21.22 16.09
CA ALA G 111 -12.59 20.49 17.32
C ALA G 111 -12.06 21.28 18.50
N TRP G 112 -12.86 21.40 19.58
CA TRP G 112 -12.32 21.96 20.80
C TRP G 112 -12.92 21.30 22.04
N ARG G 113 -12.13 21.30 23.11
CA ARG G 113 -12.49 20.77 24.43
C ARG G 113 -12.93 19.31 24.40
N ASN G 114 -12.61 18.58 23.34
CA ASN G 114 -12.88 17.15 23.31
C ASN G 114 -11.97 16.42 24.28
N ARG G 115 -12.50 15.38 24.92
CA ARG G 115 -11.72 14.50 25.78
C ARG G 115 -11.81 13.08 25.22
N CYS G 116 -10.66 12.49 24.95
CA CYS G 116 -10.58 11.12 24.46
C CYS G 116 -9.63 10.32 25.34
N GLN G 117 -10.07 9.17 25.81
CA GLN G 117 -9.26 8.34 26.69
C GLN G 117 -9.23 6.91 26.18
N ASN G 118 -8.04 6.33 26.18
CA ASN G 118 -7.84 4.89 26.05
C ASN G 118 -7.17 4.40 27.32
N ARG G 119 -7.64 3.28 27.85
CA ARG G 119 -7.04 2.72 29.06
C ARG G 119 -7.05 1.20 29.00
N ASP G 120 -5.90 0.59 29.26
CA ASP G 120 -5.68 -0.85 29.12
C ASP G 120 -6.11 -1.36 27.76
N VAL G 121 -5.34 -0.96 26.75
CA VAL G 121 -5.64 -1.26 25.35
C VAL G 121 -4.51 -2.10 24.79
N ARG G 122 -4.85 -3.27 24.27
CA ARG G 122 -3.86 -4.26 23.83
C ARG G 122 -4.26 -4.76 22.45
N GLN G 123 -3.29 -4.82 21.53
CA GLN G 123 -3.50 -5.37 20.20
C GLN G 123 -2.46 -6.45 19.93
N TYR G 124 -2.92 -7.64 19.52
CA TYR G 124 -2.06 -8.75 19.21
C TYR G 124 -2.34 -9.17 17.77
N VAL G 125 -1.32 -9.09 16.91
CA VAL G 125 -1.49 -9.36 15.49
C VAL G 125 -0.40 -10.32 15.06
N GLN G 126 -0.79 -11.48 14.52
CA GLN G 126 0.02 -12.69 14.56
C GLN G 126 -0.26 -13.47 13.27
N GLY G 127 0.21 -12.92 12.15
CA GLY G 127 -0.04 -13.53 10.84
C GLY G 127 0.82 -14.75 10.56
N CYS G 128 0.70 -15.76 11.41
CA CYS G 128 1.68 -16.85 11.46
C CYS G 128 1.53 -17.82 10.29
N UNK H 1 -17.18 32.17 22.94
CA UNK H 1 -17.98 31.95 21.75
C UNK H 1 -17.10 31.54 20.57
N UNK H 2 -17.67 30.80 19.63
CA UNK H 2 -16.97 30.40 18.42
C UNK H 2 -17.83 30.71 17.21
N UNK H 3 -17.22 31.30 16.18
CA UNK H 3 -17.90 31.61 14.93
C UNK H 3 -17.03 31.13 13.77
N UNK H 4 -17.65 30.42 12.83
CA UNK H 4 -16.96 29.95 11.64
C UNK H 4 -17.83 30.24 10.43
N UNK H 5 -17.24 30.79 9.38
CA UNK H 5 -17.93 31.07 8.14
C UNK H 5 -17.10 30.57 6.97
N UNK H 6 -17.75 29.89 6.03
CA UNK H 6 -17.10 29.39 4.83
C UNK H 6 -17.95 29.73 3.61
N UNK H 7 -17.32 30.28 2.59
CA UNK H 7 -18.02 30.73 1.40
C UNK H 7 -17.24 30.32 0.16
N UNK H 8 -17.96 29.91 -0.87
CA UNK H 8 -17.38 29.64 -2.18
C UNK H 8 -18.23 30.28 -3.26
N UNK H 9 -17.57 30.95 -4.21
CA UNK H 9 -18.23 31.53 -5.38
C UNK H 9 -17.53 31.05 -6.63
N UNK H 10 -18.29 30.47 -7.56
CA UNK H 10 -17.73 29.99 -8.81
C UNK H 10 -17.75 31.09 -9.88
N GLY I 22 -4.84 -6.17 -19.12
CA GLY I 22 -4.87 -7.18 -18.08
C GLY I 22 -3.84 -8.27 -18.27
N ILE I 23 -4.32 -9.49 -18.51
CA ILE I 23 -3.46 -10.64 -18.80
C ILE I 23 -3.79 -11.13 -20.21
N SER I 24 -2.75 -11.31 -21.02
CA SER I 24 -2.88 -11.86 -22.36
C SER I 24 -1.96 -13.06 -22.50
N LEU I 25 -2.50 -14.19 -22.95
CA LEU I 25 -1.71 -15.35 -23.31
C LEU I 25 -1.99 -15.71 -24.75
N ALA I 26 -1.01 -16.32 -25.41
CA ALA I 26 -1.24 -16.94 -26.71
C ALA I 26 -0.34 -18.17 -26.85
N ASN I 27 -0.87 -19.19 -27.53
CA ASN I 27 -0.14 -20.42 -27.77
C ASN I 27 -0.33 -20.84 -29.23
N TRP I 28 0.78 -21.06 -29.93
CA TRP I 28 0.73 -21.44 -31.35
C TRP I 28 1.51 -22.72 -31.57
N MET I 29 1.10 -23.44 -32.62
CA MET I 29 1.90 -24.52 -33.19
C MET I 29 1.60 -24.60 -34.67
N CYS I 30 2.60 -25.00 -35.45
CA CYS I 30 2.46 -25.08 -36.89
C CYS I 30 3.44 -26.11 -37.44
N LEU I 31 3.06 -26.72 -38.57
CA LEU I 31 3.94 -27.67 -39.23
C LEU I 31 3.54 -27.75 -40.70
N ALA I 32 4.48 -28.22 -41.51
CA ALA I 32 4.22 -28.52 -42.91
C ALA I 32 5.17 -29.62 -43.37
N LYS I 33 4.78 -30.30 -44.43
CA LYS I 33 5.62 -31.34 -45.03
C LYS I 33 5.24 -31.51 -46.49
N TRP I 34 6.15 -32.11 -47.24
CA TRP I 34 5.97 -32.29 -48.68
C TRP I 34 6.80 -33.46 -49.19
N ARG I 50 7.74 -38.69 -34.41
CA ARG I 50 6.92 -38.36 -33.24
C ARG I 50 7.08 -36.89 -32.87
N SER I 51 6.11 -36.36 -32.14
CA SER I 51 6.19 -35.02 -31.57
C SER I 51 5.16 -34.90 -30.47
N THR I 52 5.59 -34.42 -29.30
CA THR I 52 4.70 -34.22 -28.16
C THR I 52 5.14 -32.94 -27.45
N ASP I 53 4.48 -31.83 -27.77
CA ASP I 53 4.86 -30.52 -27.27
C ASP I 53 3.83 -30.05 -26.25
N TYR I 54 4.32 -29.40 -25.19
CA TYR I 54 3.49 -29.08 -24.03
C TYR I 54 3.50 -27.59 -23.78
N GLY I 55 2.36 -27.05 -23.38
CA GLY I 55 2.31 -25.69 -22.90
C GLY I 55 1.48 -25.58 -21.64
N ILE I 56 2.11 -25.26 -20.53
CA ILE I 56 1.47 -25.25 -19.22
C ILE I 56 1.55 -23.84 -18.65
N PHE I 57 0.41 -23.26 -18.32
CA PHE I 57 0.35 -21.90 -17.82
C PHE I 57 -0.41 -21.92 -16.50
N GLN I 58 0.21 -21.37 -15.45
CA GLN I 58 -0.32 -21.47 -14.09
C GLN I 58 -0.09 -20.11 -13.44
N ILE I 59 -1.10 -19.24 -13.49
CA ILE I 59 -0.85 -17.84 -13.17
C ILE I 59 -0.94 -17.58 -11.67
N ASN I 60 -2.16 -17.53 -11.12
CA ASN I 60 -2.36 -17.23 -9.71
C ASN I 60 -2.73 -18.47 -8.91
N SER I 61 -2.44 -19.65 -9.45
CA SER I 61 -2.97 -20.89 -8.92
C SER I 61 -2.27 -21.29 -7.63
N ARG I 62 -2.96 -22.08 -6.82
CA ARG I 62 -2.41 -22.61 -5.57
C ARG I 62 -2.55 -24.12 -5.58
N TYR I 63 -1.48 -24.81 -5.20
CA TYR I 63 -1.46 -26.27 -5.19
C TYR I 63 -0.98 -26.75 -3.83
N TRP I 64 -1.74 -27.65 -3.22
CA TRP I 64 -1.43 -28.26 -1.92
C TRP I 64 -1.26 -27.24 -0.80
N CYS I 65 -1.67 -25.99 -1.00
CA CYS I 65 -1.37 -24.95 -0.02
C CYS I 65 -2.44 -24.88 1.07
N ASN I 66 -2.07 -24.22 2.18
CA ASN I 66 -3.01 -23.94 3.25
C ASN I 66 -3.19 -22.43 3.42
N ASP I 67 -3.50 -21.73 2.33
CA ASP I 67 -3.63 -20.29 2.35
C ASP I 67 -4.70 -19.81 3.32
N GLY I 68 -4.43 -18.69 3.97
CA GLY I 68 -5.39 -18.03 4.86
C GLY I 68 -5.11 -16.54 4.95
N LYS I 69 -6.13 -15.69 4.89
CA LYS I 69 -5.91 -14.25 4.97
C LYS I 69 -7.09 -13.52 5.58
N THR I 70 -6.79 -12.49 6.38
CA THR I 70 -7.73 -11.91 7.33
C THR I 70 -7.65 -10.36 7.29
N PRO I 71 -7.71 -9.75 6.12
CA PRO I 71 -7.43 -8.30 6.04
C PRO I 71 -8.50 -7.43 6.69
N GLY I 72 -8.03 -6.39 7.38
CA GLY I 72 -8.86 -5.23 7.69
C GLY I 72 -9.74 -5.28 8.92
N ALA I 73 -9.44 -6.12 9.90
CA ALA I 73 -10.25 -6.18 11.11
C ALA I 73 -10.19 -4.85 11.87
N VAL I 74 -11.34 -4.35 12.27
CA VAL I 74 -11.46 -3.06 12.98
C VAL I 74 -12.18 -3.31 14.30
N ASN I 75 -11.62 -2.78 15.39
CA ASN I 75 -12.23 -2.97 16.71
C ASN I 75 -12.28 -1.66 17.49
N ALA I 76 -13.44 -1.40 18.11
CA ALA I 76 -13.61 -0.44 19.19
C ALA I 76 -13.20 0.98 18.83
N CYS I 77 -13.23 1.34 17.56
CA CYS I 77 -12.88 2.70 17.18
C CYS I 77 -14.00 3.67 17.58
N HIS I 78 -13.61 4.89 17.96
CA HIS I 78 -14.54 5.99 18.11
C HIS I 78 -14.31 6.96 16.96
N LEU I 79 -15.32 7.12 16.13
CA LEU I 79 -15.38 8.17 15.11
C LEU I 79 -16.36 9.25 15.55
N SER I 80 -15.85 10.45 15.79
CA SER I 80 -16.68 11.56 16.28
C SER I 80 -17.32 12.25 15.07
N CYS I 81 -16.54 13.00 14.32
CA CYS I 81 -16.98 13.57 13.04
C CYS I 81 -15.96 13.16 11.97
N SER I 82 -15.88 11.86 11.69
CA SER I 82 -14.69 11.27 11.11
C SER I 82 -15.07 10.20 10.10
N ALA I 83 -14.12 9.86 9.23
CA ALA I 83 -14.31 8.84 8.20
C ALA I 83 -13.22 7.77 8.33
N LEU I 84 -13.61 6.51 8.13
CA LEU I 84 -12.67 5.40 8.02
C LEU I 84 -12.96 4.61 6.75
N LEU I 85 -11.94 4.39 5.93
CA LEU I 85 -12.11 3.76 4.63
C LEU I 85 -11.09 2.66 4.44
N GLN I 86 -11.54 1.50 3.94
CA GLN I 86 -10.67 0.34 3.74
C GLN I 86 -11.01 -0.32 2.41
N ASP I 87 -9.98 -0.69 1.66
CA ASP I 87 -10.08 -1.65 0.55
C ASP I 87 -9.40 -2.95 0.94
N ASN I 88 -10.19 -3.94 1.35
CA ASN I 88 -9.66 -5.22 1.84
C ASN I 88 -9.55 -6.27 0.75
N ILE I 89 -9.04 -5.89 -0.43
CA ILE I 89 -8.98 -6.78 -1.58
C ILE I 89 -8.05 -7.95 -1.28
N ALA I 90 -8.62 -9.15 -1.24
CA ALA I 90 -7.92 -10.32 -0.71
C ALA I 90 -7.23 -11.17 -1.77
N ASP I 91 -7.68 -11.15 -3.03
CA ASP I 91 -7.18 -12.16 -3.97
C ASP I 91 -7.40 -11.80 -5.44
N ALA I 92 -7.63 -10.54 -5.78
CA ALA I 92 -8.16 -10.20 -7.10
C ALA I 92 -7.18 -10.58 -8.20
N VAL I 93 -7.71 -10.99 -9.34
CA VAL I 93 -6.95 -11.18 -10.56
C VAL I 93 -7.58 -10.36 -11.68
N ALA I 94 -6.75 -9.60 -12.39
CA ALA I 94 -7.13 -8.81 -13.56
C ALA I 94 -8.27 -7.84 -13.26
N CYS I 95 -8.48 -7.52 -11.99
CA CYS I 95 -9.59 -6.67 -11.59
C CYS I 95 -9.23 -5.19 -11.76
N ALA I 96 -10.23 -4.39 -12.13
CA ALA I 96 -10.04 -2.98 -12.36
C ALA I 96 -10.99 -2.20 -11.46
N LYS I 97 -10.50 -1.10 -10.89
CA LYS I 97 -11.30 -0.26 -10.01
C LYS I 97 -11.07 1.20 -10.37
N ARG I 98 -12.17 1.97 -10.45
CA ARG I 98 -12.11 3.39 -10.74
C ARG I 98 -12.99 4.12 -9.72
N VAL I 99 -12.45 5.18 -9.11
CA VAL I 99 -13.12 5.86 -8.01
C VAL I 99 -12.98 7.36 -8.19
N VAL I 100 -14.07 8.09 -7.93
CA VAL I 100 -14.03 9.53 -7.71
C VAL I 100 -14.74 9.82 -6.39
N ARG I 101 -14.17 10.71 -5.58
CA ARG I 101 -14.64 10.91 -4.21
C ARG I 101 -14.58 12.40 -3.85
N ASP I 102 -15.75 12.98 -3.52
CA ASP I 102 -15.90 14.36 -3.06
C ASP I 102 -15.34 15.43 -4.00
N PRO I 103 -15.58 15.37 -5.33
CA PRO I 103 -15.07 16.41 -6.24
C PRO I 103 -15.10 17.86 -5.77
N GLN I 104 -16.25 18.33 -5.29
CA GLN I 104 -16.46 19.76 -5.11
C GLN I 104 -17.36 20.08 -3.93
N GLY I 105 -17.21 21.30 -3.42
CA GLY I 105 -18.12 21.89 -2.48
C GLY I 105 -17.82 21.63 -1.01
N ILE I 106 -18.41 22.49 -0.18
CA ILE I 106 -18.06 22.62 1.23
C ILE I 106 -18.17 21.30 1.98
N ARG I 107 -17.10 20.93 2.66
CA ARG I 107 -17.16 20.00 3.79
C ARG I 107 -16.79 20.77 5.05
N ALA I 108 -17.61 20.63 6.10
CA ALA I 108 -17.25 21.12 7.42
C ALA I 108 -17.52 20.05 8.45
N TRP I 109 -16.52 19.76 9.29
CA TRP I 109 -16.68 18.83 10.40
C TRP I 109 -16.40 19.56 11.70
N VAL I 110 -17.38 19.58 12.60
CA VAL I 110 -17.27 20.34 13.84
C VAL I 110 -17.61 19.43 15.01
N ALA I 111 -16.78 19.46 16.05
CA ALA I 111 -17.04 18.72 17.28
C ALA I 111 -16.57 19.54 18.47
N TRP I 112 -17.34 19.56 19.55
CA TRP I 112 -16.80 20.10 20.79
C TRP I 112 -17.39 19.40 22.00
N ARG I 113 -16.60 19.38 23.07
CA ARG I 113 -16.93 18.79 24.38
C ARG I 113 -17.37 17.34 24.29
N ASN I 114 -17.05 16.65 23.20
CA ASN I 114 -17.33 15.22 23.14
C ASN I 114 -16.43 14.46 24.10
N ARG I 115 -16.96 13.41 24.71
CA ARG I 115 -16.19 12.52 25.56
C ARG I 115 -16.25 11.11 25.00
N CYS I 116 -15.08 10.51 24.76
CA CYS I 116 -14.99 9.14 24.27
C CYS I 116 -14.02 8.38 25.15
N GLN I 117 -14.40 7.17 25.57
CA GLN I 117 -13.55 6.33 26.39
C GLN I 117 -13.55 4.91 25.87
N ASN I 118 -12.36 4.31 25.82
CA ASN I 118 -12.18 2.88 25.69
C ASN I 118 -11.51 2.39 26.95
N ARG I 119 -12.02 1.29 27.52
CA ARG I 119 -11.39 0.71 28.69
C ARG I 119 -11.39 -0.81 28.62
N ASP I 120 -10.22 -1.39 28.85
CA ASP I 120 -9.98 -2.82 28.71
C ASP I 120 -10.41 -3.38 27.35
N VAL I 121 -9.73 -2.90 26.30
CA VAL I 121 -10.07 -3.26 24.93
C VAL I 121 -8.91 -4.07 24.37
N ARG I 122 -9.19 -5.29 23.94
CA ARG I 122 -8.18 -6.19 23.40
C ARG I 122 -8.63 -6.77 22.06
N GLN I 123 -7.71 -6.80 21.10
CA GLN I 123 -7.94 -7.30 19.76
C GLN I 123 -6.88 -8.33 19.41
N TYR I 124 -7.31 -9.52 18.98
CA TYR I 124 -6.42 -10.61 18.62
C TYR I 124 -6.69 -11.00 17.18
N VAL I 125 -5.69 -10.89 16.31
CA VAL I 125 -5.84 -11.11 14.88
C VAL I 125 -4.73 -12.04 14.41
N GLN I 126 -5.10 -13.20 13.86
CA GLN I 126 -4.25 -14.39 13.82
C GLN I 126 -4.55 -15.13 12.52
N GLY I 127 -4.09 -14.57 11.40
CA GLY I 127 -4.35 -15.13 10.09
C GLY I 127 -3.53 -16.36 9.75
N CYS I 128 -3.63 -17.40 10.58
CA CYS I 128 -2.69 -18.53 10.53
C CYS I 128 -2.88 -19.39 9.29
N UNK J 1 -21.82 30.56 23.02
CA UNK J 1 -22.56 30.15 21.84
C UNK J 1 -21.63 29.81 20.68
N UNK J 2 -22.08 28.93 19.80
CA UNK J 2 -21.32 28.54 18.62
C UNK J 2 -22.18 28.76 17.39
N UNK J 3 -21.61 29.41 16.37
CA UNK J 3 -22.31 29.68 15.13
C UNK J 3 -21.44 29.25 13.96
N UNK J 4 -22.05 28.54 13.01
CA UNK J 4 -21.38 28.14 11.78
C UNK J 4 -22.28 28.46 10.59
N UNK J 5 -21.68 29.02 9.54
CA UNK J 5 -22.40 29.36 8.33
C UNK J 5 -21.61 28.89 7.12
N UNK J 6 -22.30 28.29 6.16
CA UNK J 6 -21.69 27.80 4.93
C UNK J 6 -22.53 28.21 3.75
N UNK J 7 -21.90 28.79 2.73
CA UNK J 7 -22.59 29.28 1.55
C UNK J 7 -21.82 28.86 0.31
N UNK J 8 -22.56 28.44 -0.72
CA UNK J 8 -21.97 28.19 -2.02
C UNK J 8 -22.86 28.78 -3.10
N UNK J 9 -22.25 29.46 -4.07
CA UNK J 9 -22.93 29.99 -5.23
C UNK J 9 -22.20 29.54 -6.49
N UNK J 10 -22.91 28.86 -7.37
CA UNK J 10 -22.33 28.36 -8.62
C UNK J 10 -22.42 29.42 -9.71
#